data_6AJZ
#
_entry.id   6AJZ
#
_cell.length_a   36.763
_cell.length_b   47.101
_cell.length_c   79.052
_cell.angle_alpha   90.00
_cell.angle_beta   90.00
_cell.angle_gamma   90.00
#
_symmetry.space_group_name_H-M   'P 21 21 21'
#
loop_
_entity.id
_entity.type
_entity.pdbx_description
1 polymer 'Bromodomain-containing protein 4'
2 non-polymer N-[(7S)-1,2,3,10-tetramethoxy-9-oxo-6,7-dihydro-5H-benzo[d]heptalen-7-yl]ethanamide
3 non-polymer 'SODIUM ION'
4 water water
#
_entity_poly.entity_id   1
_entity_poly.type   'polypeptide(L)'
_entity_poly.pdbx_seq_one_letter_code
;MHHHHHHMSTNPPPPETSNPNKPKRQTNQLQYLLRVVLKTLWKHQFAWPFQQPVDAVKLNLPDYYKIIKTPMDMGTIKKR
LENNYYWNAQECIQDFNTMFTNCYIYNKPGDDIVLMAEALEKLFLQKINELPTEE
;
_entity_poly.pdbx_strand_id   A
#
# COMPACT_ATOMS: atom_id res chain seq x y z
N MET A 1 6.64 -41.22 1.54
CA MET A 1 7.21 -39.93 1.20
C MET A 1 6.11 -38.95 0.84
N HIS A 2 6.10 -37.78 1.48
CA HIS A 2 5.16 -36.73 1.14
C HIS A 2 5.67 -35.87 -0.05
N HIS A 3 7.00 -35.86 -0.26
CA HIS A 3 7.66 -34.99 -1.26
C HIS A 3 7.20 -33.54 -1.21
N HIS A 4 6.86 -33.09 0.00
CA HIS A 4 6.64 -31.67 0.29
C HIS A 4 5.44 -31.05 -0.41
N HIS A 5 4.49 -31.89 -0.87
CA HIS A 5 3.33 -31.36 -1.61
C HIS A 5 2.46 -30.48 -0.73
N HIS A 6 2.57 -30.69 0.59
CA HIS A 6 1.82 -29.93 1.59
C HIS A 6 2.50 -28.61 1.96
N HIS A 7 3.79 -28.47 1.65
CA HIS A 7 4.48 -27.19 1.92
C HIS A 7 4.23 -26.16 0.86
N MET A 8 2.99 -25.67 0.76
CA MET A 8 2.69 -24.69 -0.26
C MET A 8 3.05 -23.30 0.25
N SER A 9 3.19 -22.41 -0.71
CA SER A 9 3.41 -21.00 -0.42
C SER A 9 2.10 -20.42 0.13
N THR A 10 2.21 -19.60 1.16
CA THR A 10 1.03 -19.00 1.74
C THR A 10 1.27 -17.48 1.86
N ASN A 11 0.21 -16.76 2.16
CA ASN A 11 0.31 -15.33 2.39
C ASN A 11 0.60 -15.01 3.84
N PRO A 12 1.39 -13.98 4.11
CA PRO A 12 1.59 -13.55 5.49
C PRO A 12 0.32 -12.87 5.96
N PRO A 13 0.19 -12.71 7.28
CA PRO A 13 -0.91 -11.86 7.74
C PRO A 13 -0.78 -10.44 7.20
N PRO A 14 -1.91 -9.78 6.92
CA PRO A 14 -1.79 -8.43 6.37
C PRO A 14 -1.33 -7.43 7.42
N PRO A 15 -0.87 -6.26 6.99
CA PRO A 15 -0.44 -5.24 7.93
C PRO A 15 -1.58 -4.85 8.86
N GLU A 16 -1.22 -4.48 10.07
CA GLU A 16 -2.17 -4.02 11.07
C GLU A 16 -2.94 -2.77 10.62
N THR A 17 -4.26 -2.72 10.81
CA THR A 17 -5.04 -1.54 10.50
C THR A 17 -5.78 -0.96 11.70
N SER A 18 -5.72 -1.65 12.83
CA SER A 18 -6.41 -1.16 14.04
C SER A 18 -5.52 -1.51 15.22
N ASN A 19 -5.34 -0.55 16.12
CA ASN A 19 -4.61 -0.79 17.35
C ASN A 19 -5.03 0.28 18.34
N PRO A 20 -5.94 -0.07 19.27
CA PRO A 20 -6.46 0.90 20.24
C PRO A 20 -5.36 1.56 21.08
N ASN A 21 -4.21 0.92 21.26
CA ASN A 21 -3.16 1.46 22.10
C ASN A 21 -2.17 2.37 21.38
N LYS A 22 -2.29 2.47 20.06
CA LYS A 22 -1.40 3.35 19.29
C LYS A 22 -1.91 4.78 19.39
N PRO A 23 -1.00 5.75 19.60
CA PRO A 23 -1.40 7.17 19.57
C PRO A 23 -1.91 7.54 18.21
N LYS A 24 -3.08 8.17 18.20
CA LYS A 24 -3.71 8.61 16.95
C LYS A 24 -4.38 9.94 17.06
N ARG A 25 -4.50 10.63 15.93
CA ARG A 25 -5.14 11.93 15.86
C ARG A 25 -5.87 12.03 14.55
N GLN A 26 -6.82 12.93 14.52
CA GLN A 26 -7.42 13.35 13.27
C GLN A 26 -6.88 14.77 13.07
N THR A 27 -6.11 14.98 12.02
CA THR A 27 -5.64 16.30 11.67
C THR A 27 -6.24 16.69 10.31
N ASN A 28 -6.14 17.97 9.98
CA ASN A 28 -6.67 18.43 8.71
C ASN A 28 -5.92 17.81 7.54
N GLN A 29 -4.63 17.59 7.72
CA GLN A 29 -3.86 16.94 6.69
C GLN A 29 -4.27 15.48 6.49
N LEU A 30 -4.55 14.76 7.57
CA LEU A 30 -4.99 13.38 7.42
C LEU A 30 -6.36 13.30 6.78
N GLN A 31 -7.25 14.23 7.12
CA GLN A 31 -8.58 14.24 6.50
C GLN A 31 -8.47 14.51 4.99
N TYR A 32 -7.56 15.37 4.58
CA TYR A 32 -7.33 15.61 3.15
C TYR A 32 -6.76 14.35 2.47
N LEU A 33 -5.86 13.64 3.18
CA LEU A 33 -5.29 12.41 2.62
C LEU A 33 -6.35 11.37 2.35
N LEU A 34 -7.38 11.28 3.17
CA LEU A 34 -8.48 10.36 2.93
C LEU A 34 -9.42 10.89 1.84
N ARG A 35 -9.95 12.08 2.06
CA ARG A 35 -11.03 12.61 1.22
C ARG A 35 -10.57 12.92 -0.20
N VAL A 36 -9.34 13.40 -0.36
CA VAL A 36 -8.88 13.81 -1.69
C VAL A 36 -7.86 12.83 -2.27
N VAL A 37 -6.79 12.56 -1.54
CA VAL A 37 -5.67 11.80 -2.09
C VAL A 37 -6.07 10.33 -2.29
N LEU A 38 -6.54 9.67 -1.24
CA LEU A 38 -6.79 8.25 -1.34
C LEU A 38 -7.97 8.04 -2.27
N LYS A 39 -9.04 8.80 -2.08
CA LYS A 39 -10.22 8.63 -2.92
C LYS A 39 -9.96 8.87 -4.41
N THR A 40 -9.04 9.77 -4.75
CA THR A 40 -8.75 10.04 -6.14
C THR A 40 -7.99 8.86 -6.71
N LEU A 41 -6.94 8.44 -6.04
CA LEU A 41 -6.12 7.32 -6.49
C LEU A 41 -6.94 6.03 -6.61
N TRP A 42 -7.85 5.81 -5.70
CA TRP A 42 -8.65 4.58 -5.65
C TRP A 42 -9.46 4.41 -6.91
N LYS A 43 -9.88 5.53 -7.50
CA LYS A 43 -10.74 5.53 -8.69
C LYS A 43 -9.95 5.55 -10.00
N HIS A 44 -8.63 5.59 -9.93
CA HIS A 44 -7.81 5.58 -11.11
C HIS A 44 -7.89 4.22 -11.80
N GLN A 45 -7.85 4.23 -13.12
CA GLN A 45 -7.95 3.00 -13.90
C GLN A 45 -6.84 2.01 -13.59
N PHE A 46 -5.71 2.48 -13.09
CA PHE A 46 -4.57 1.59 -12.78
C PHE A 46 -4.49 1.25 -11.30
N ALA A 47 -5.50 1.54 -10.51
CA ALA A 47 -5.43 1.29 -9.07
C ALA A 47 -5.57 -0.18 -8.69
N TRP A 48 -6.22 -0.99 -9.52
CA TRP A 48 -6.64 -2.31 -9.12
C TRP A 48 -5.55 -3.24 -8.56
N PRO A 49 -4.31 -3.24 -9.08
CA PRO A 49 -3.32 -4.14 -8.47
C PRO A 49 -2.92 -3.76 -7.05
N PHE A 50 -3.22 -2.53 -6.67
CA PHE A 50 -2.76 -1.89 -5.43
C PHE A 50 -3.88 -1.76 -4.41
N GLN A 51 -5.07 -2.23 -4.69
CA GLN A 51 -6.22 -2.07 -3.78
C GLN A 51 -6.32 -3.11 -2.68
N GLN A 52 -5.45 -4.10 -2.67
CA GLN A 52 -5.42 -5.12 -1.65
C GLN A 52 -4.00 -5.67 -1.57
N PRO A 53 -3.67 -6.37 -0.50
CA PRO A 53 -2.33 -6.98 -0.41
C PRO A 53 -2.05 -7.89 -1.58
N VAL A 54 -0.79 -7.99 -1.97
CA VAL A 54 -0.39 -8.96 -2.97
C VAL A 54 -0.70 -10.36 -2.49
N ASP A 55 -1.48 -11.06 -3.29
CA ASP A 55 -1.94 -12.41 -2.94
C ASP A 55 -1.02 -13.38 -3.67
N ALA A 56 -0.03 -13.89 -2.96
CA ALA A 56 0.97 -14.76 -3.56
C ALA A 56 0.40 -16.10 -3.99
N VAL A 57 -0.73 -16.51 -3.43
CA VAL A 57 -1.36 -17.79 -3.78
C VAL A 57 -2.10 -17.60 -5.09
N LYS A 58 -2.93 -16.58 -5.19
CA LYS A 58 -3.67 -16.32 -6.44
C LYS A 58 -2.75 -16.05 -7.60
N LEU A 59 -1.69 -15.26 -7.34
CA LEU A 59 -0.82 -14.80 -8.41
C LEU A 59 0.38 -15.72 -8.68
N ASN A 60 0.49 -16.80 -7.94
CA ASN A 60 1.58 -17.79 -8.12
C ASN A 60 2.94 -17.10 -7.98
N LEU A 61 3.15 -16.49 -6.83
CA LEU A 61 4.27 -15.61 -6.63
C LEU A 61 5.00 -15.99 -5.36
N PRO A 62 5.63 -17.19 -5.37
CA PRO A 62 6.26 -17.70 -4.15
C PRO A 62 7.45 -16.86 -3.67
N ASP A 63 7.98 -16.02 -4.52
CA ASP A 63 9.15 -15.21 -4.18
C ASP A 63 8.84 -13.85 -3.61
N TYR A 64 7.59 -13.40 -3.73
CA TYR A 64 7.29 -12.00 -3.45
C TYR A 64 7.65 -11.61 -2.02
N TYR A 65 7.17 -12.40 -1.06
CA TYR A 65 7.36 -12.09 0.34
C TYR A 65 8.70 -12.57 0.88
N LYS A 66 9.53 -13.11 0.02
CA LYS A 66 10.98 -13.27 0.31
C LYS A 66 11.73 -12.00 0.01
N ILE A 67 11.31 -11.27 -1.00
CA ILE A 67 11.98 -10.04 -1.42
C ILE A 67 11.42 -8.82 -0.69
N ILE A 68 10.10 -8.76 -0.54
CA ILE A 68 9.43 -7.63 0.05
C ILE A 68 9.03 -7.99 1.47
N LYS A 69 9.72 -7.41 2.43
CA LYS A 69 9.51 -7.71 3.85
C LYS A 69 8.68 -6.66 4.54
N THR A 70 8.41 -5.55 3.88
CA THR A 70 7.55 -4.50 4.39
CA THR A 70 7.52 -4.51 4.41
C THR A 70 6.44 -4.23 3.38
N PRO A 71 5.50 -5.15 3.26
CA PRO A 71 4.45 -4.93 2.26
C PRO A 71 3.52 -3.80 2.63
N MET A 72 2.93 -3.21 1.61
CA MET A 72 1.92 -2.17 1.82
C MET A 72 1.08 -2.09 0.57
N ASP A 73 -0.17 -1.74 0.77
CA ASP A 73 -1.12 -1.58 -0.32
C ASP A 73 -2.15 -0.53 0.05
N MET A 74 -2.90 -0.05 -0.92
CA MET A 74 -3.87 1.01 -0.69
C MET A 74 -5.07 0.60 0.09
N GLY A 75 -5.42 -0.67 0.07
CA GLY A 75 -6.53 -1.13 0.89
C GLY A 75 -6.20 -0.99 2.35
N THR A 76 -4.99 -1.38 2.72
CA THR A 76 -4.46 -1.18 4.07
C THR A 76 -4.43 0.31 4.45
N ILE A 77 -3.93 1.16 3.56
CA ILE A 77 -3.88 2.59 3.82
C ILE A 77 -5.31 3.13 4.04
N LYS A 78 -6.25 2.73 3.20
CA LYS A 78 -7.63 3.16 3.33
C LYS A 78 -8.20 2.79 4.67
N LYS A 79 -8.01 1.56 5.10
CA LYS A 79 -8.50 1.12 6.40
C LYS A 79 -7.80 1.87 7.52
N ARG A 80 -6.49 2.13 7.42
CA ARG A 80 -5.80 2.90 8.44
C ARG A 80 -6.37 4.32 8.55
N LEU A 81 -6.64 4.96 7.43
CA LEU A 81 -7.20 6.31 7.43
C LEU A 81 -8.61 6.27 8.02
N GLU A 82 -9.41 5.29 7.65
CA GLU A 82 -10.80 5.22 8.14
C GLU A 82 -10.86 4.92 9.63
N ASN A 83 -9.94 4.10 10.13
CA ASN A 83 -9.83 3.76 11.53
C ASN A 83 -9.02 4.75 12.36
N ASN A 84 -8.66 5.89 11.78
CA ASN A 84 -7.81 6.90 12.44
C ASN A 84 -6.55 6.35 13.08
N TYR A 85 -5.82 5.50 12.36
CA TYR A 85 -4.67 4.81 12.88
C TYR A 85 -3.45 5.70 13.03
N TYR A 86 -3.38 6.77 12.25
CA TYR A 86 -2.18 7.58 12.16
C TYR A 86 -2.13 8.74 13.17
N TRP A 87 -0.92 9.11 13.56
CA TRP A 87 -0.69 10.32 14.38
C TRP A 87 -0.52 11.57 13.55
N ASN A 88 0.03 11.45 12.35
CA ASN A 88 0.25 12.64 11.51
C ASN A 88 0.33 12.20 10.05
N ALA A 89 0.30 13.20 9.18
CA ALA A 89 0.31 12.95 7.74
C ALA A 89 1.56 12.26 7.31
N GLN A 90 2.71 12.55 7.87
CA GLN A 90 3.94 11.92 7.41
C GLN A 90 3.88 10.38 7.59
N GLU A 91 3.23 9.88 8.63
CA GLU A 91 3.09 8.43 8.80
CA GLU A 91 3.11 8.45 8.81
C GLU A 91 2.36 7.82 7.64
N CYS A 92 1.32 8.48 7.16
CA CYS A 92 0.52 7.96 6.06
C CYS A 92 1.29 8.09 4.75
N ILE A 93 1.94 9.23 4.50
CA ILE A 93 2.74 9.40 3.31
C ILE A 93 3.80 8.33 3.22
N GLN A 94 4.40 7.95 4.33
CA GLN A 94 5.39 6.87 4.33
C GLN A 94 4.81 5.57 3.80
N ASP A 95 3.57 5.28 4.17
CA ASP A 95 2.94 4.07 3.68
C ASP A 95 2.77 4.14 2.17
N PHE A 96 2.32 5.27 1.63
CA PHE A 96 2.23 5.38 0.18
C PHE A 96 3.57 5.16 -0.46
N ASN A 97 4.60 5.78 0.09
CA ASN A 97 5.90 5.63 -0.48
C ASN A 97 6.41 4.18 -0.48
N THR A 98 6.18 3.48 0.61
CA THR A 98 6.54 2.08 0.73
C THR A 98 5.85 1.27 -0.37
N MET A 99 4.57 1.49 -0.58
CA MET A 99 3.84 0.78 -1.59
C MET A 99 4.47 0.97 -2.97
N PHE A 100 4.77 2.22 -3.35
CA PHE A 100 5.37 2.45 -4.66
C PHE A 100 6.76 1.82 -4.75
N THR A 101 7.57 2.04 -3.73
CA THR A 101 8.93 1.56 -3.73
C THR A 101 8.98 0.03 -3.82
N ASN A 102 8.10 -0.67 -3.12
CA ASN A 102 8.05 -2.11 -3.20
C ASN A 102 7.88 -2.58 -4.65
N CYS A 103 7.02 -1.89 -5.39
CA CYS A 103 6.74 -2.25 -6.77
C CYS A 103 7.99 -2.06 -7.64
N TYR A 104 8.70 -0.97 -7.42
CA TYR A 104 9.92 -0.69 -8.18
C TYR A 104 11.03 -1.66 -7.83
N ILE A 105 11.13 -2.07 -6.58
CA ILE A 105 12.12 -3.04 -6.19
C ILE A 105 11.87 -4.40 -6.80
N TYR A 106 10.65 -4.91 -6.68
CA TYR A 106 10.35 -6.27 -7.09
C TYR A 106 10.41 -6.43 -8.61
N ASN A 107 9.97 -5.43 -9.35
CA ASN A 107 9.81 -5.50 -10.80
C ASN A 107 10.97 -4.78 -11.49
N LYS A 108 10.90 -4.68 -12.80
CA LYS A 108 11.94 -4.01 -13.59
C LYS A 108 11.38 -2.81 -14.26
N PRO A 109 12.26 -1.87 -14.63
CA PRO A 109 11.75 -0.60 -15.15
C PRO A 109 10.82 -0.60 -16.36
N GLY A 110 10.96 -1.51 -17.29
CA GLY A 110 10.00 -1.49 -18.40
C GLY A 110 8.61 -2.13 -18.20
N ASP A 111 8.37 -2.72 -17.04
CA ASP A 111 7.22 -3.60 -16.87
C ASP A 111 5.93 -2.79 -16.78
N ASP A 112 4.85 -3.35 -17.29
CA ASP A 112 3.54 -2.70 -17.22
C ASP A 112 3.16 -2.29 -15.79
N ILE A 113 3.38 -3.17 -14.81
CA ILE A 113 3.01 -2.84 -13.44
C ILE A 113 3.76 -1.62 -12.94
N VAL A 114 4.99 -1.44 -13.40
CA VAL A 114 5.79 -0.28 -12.98
C VAL A 114 5.27 1.00 -13.65
N LEU A 115 4.87 0.94 -14.90
CA LEU A 115 4.22 2.09 -15.54
C LEU A 115 2.94 2.44 -14.81
N MET A 116 2.17 1.45 -14.37
CA MET A 116 0.97 1.70 -13.58
C MET A 116 1.30 2.42 -12.26
N ALA A 117 2.30 1.94 -11.53
CA ALA A 117 2.72 2.58 -10.29
C ALA A 117 3.21 3.97 -10.55
N GLU A 118 4.00 4.20 -11.60
CA GLU A 118 4.47 5.55 -11.90
C GLU A 118 3.31 6.51 -12.17
N ALA A 119 2.27 6.07 -12.87
CA ALA A 119 1.11 6.94 -13.12
C ALA A 119 0.44 7.30 -11.80
N LEU A 120 0.30 6.33 -10.90
CA LEU A 120 -0.33 6.62 -9.63
C LEU A 120 0.52 7.55 -8.80
N GLU A 121 1.83 7.33 -8.83
CA GLU A 121 2.75 8.13 -8.03
C GLU A 121 2.77 9.58 -8.54
N LYS A 122 2.75 9.77 -9.85
CA LYS A 122 2.62 11.13 -10.42
C LYS A 122 1.38 11.83 -9.89
N LEU A 123 0.24 11.16 -9.87
CA LEU A 123 -1.00 11.76 -9.42
C LEU A 123 -0.93 12.04 -7.91
N PHE A 124 -0.31 11.10 -7.18
CA PHE A 124 -0.10 11.25 -5.74
C PHE A 124 0.72 12.52 -5.46
N LEU A 125 1.82 12.69 -6.16
CA LEU A 125 2.66 13.88 -5.95
C LEU A 125 1.90 15.16 -6.31
N GLN A 126 1.11 15.14 -7.37
CA GLN A 126 0.31 16.33 -7.71
C GLN A 126 -0.62 16.66 -6.55
N LYS A 127 -1.30 15.66 -5.98
CA LYS A 127 -2.30 15.92 -4.97
C LYS A 127 -1.66 16.35 -3.65
N ILE A 128 -0.48 15.84 -3.31
CA ILE A 128 0.05 16.21 -1.99
C ILE A 128 0.83 17.52 -2.05
N ASN A 129 1.04 18.04 -3.25
CA ASN A 129 1.54 19.39 -3.38
C ASN A 129 0.52 20.43 -2.81
N GLU A 130 -0.75 20.04 -2.71
CA GLU A 130 -1.83 20.94 -2.24
C GLU A 130 -2.25 20.55 -0.83
N LEU A 131 -1.41 19.79 -0.16
CA LEU A 131 -1.68 19.44 1.23
C LEU A 131 -1.91 20.71 2.05
N PRO A 132 -2.97 20.77 2.89
CA PRO A 132 -3.18 21.96 3.72
C PRO A 132 -1.99 22.22 4.64
N THR A 133 -1.72 23.50 4.93
CA THR A 133 -0.58 23.89 5.76
C THR A 133 -0.88 23.80 7.26
#